data_2WPR
#
_entry.id   2WPR
#
_cell.length_a   36.130
_cell.length_b   62.530
_cell.length_c   172.570
_cell.angle_alpha   90.00
_cell.angle_beta   90.00
_cell.angle_gamma   90.00
#
_symmetry.space_group_name_H-M   'P 21 21 21'
#
loop_
_entity.id
_entity.type
_entity.pdbx_description
1 polymer 'TRIMERIC AUTOTRANSPORTER ADHESIN FRAGMENT'
2 non-polymer 'CHLORIDE ION'
3 water water
#
_entity_poly.entity_id   1
_entity_poly.type   'polypeptide(L)'
_entity_poly.pdbx_seq_one_letter_code
;MKQIEDKIEEILSKIYHIENEIARIKKLIEKVDQNTADITTNTNSINQNTTDIATNTTNINNLSDSITTLMKQIEDKIEE
ILSKIYHIENEIARIKKLIKLHHHHHH
;
_entity_poly.pdbx_strand_id   A,B,C
#
loop_
_chem_comp.id
_chem_comp.type
_chem_comp.name
_chem_comp.formula
CL non-polymer 'CHLORIDE ION' 'Cl -1'
#
# COMPACT_ATOMS: atom_id res chain seq x y z
N ILE A 4 64.82 -30.03 -6.11
CA ILE A 4 63.58 -30.82 -5.87
C ILE A 4 63.05 -30.67 -4.46
N GLU A 5 63.91 -30.90 -3.47
CA GLU A 5 63.56 -30.61 -2.08
C GLU A 5 63.00 -29.16 -1.98
N ASP A 6 63.55 -28.23 -2.79
CA ASP A 6 63.02 -26.86 -2.84
C ASP A 6 61.66 -26.75 -3.58
N LYS A 7 61.45 -27.58 -4.59
CA LYS A 7 60.19 -27.69 -5.32
C LYS A 7 59.12 -28.07 -4.34
N ILE A 8 59.42 -29.13 -3.61
CA ILE A 8 58.51 -29.58 -2.58
C ILE A 8 58.22 -28.47 -1.55
N GLU A 9 59.23 -27.88 -0.94
CA GLU A 9 58.94 -26.86 0.07
C GLU A 9 57.99 -25.84 -0.50
N GLU A 10 58.32 -25.30 -1.66
CA GLU A 10 57.45 -24.35 -2.36
C GLU A 10 56.02 -24.91 -2.49
N ILE A 11 55.87 -26.05 -3.17
CA ILE A 11 54.61 -26.77 -3.25
C ILE A 11 53.81 -26.93 -1.94
N LEU A 12 54.48 -27.25 -0.86
CA LEU A 12 53.77 -27.28 0.41
C LEU A 12 53.25 -25.88 0.80
N SER A 13 54.07 -24.85 0.58
CA SER A 13 53.67 -23.48 0.93
C SER A 13 52.44 -23.07 0.16
N LYS A 14 52.53 -23.16 -1.16
CA LYS A 14 51.36 -22.90 -1.98
C LYS A 14 50.14 -23.61 -1.41
N ILE A 15 50.28 -24.87 -1.00
CA ILE A 15 49.14 -25.62 -0.47
C ILE A 15 48.59 -25.05 0.85
N TYR A 16 49.44 -24.61 1.76
CA TYR A 16 48.96 -24.08 3.02
C TYR A 16 48.22 -22.76 2.82
N HIS A 17 48.76 -21.95 1.93
CA HIS A 17 48.18 -20.68 1.60
C HIS A 17 46.80 -20.94 1.08
N ILE A 18 46.67 -21.87 0.12
CA ILE A 18 45.37 -22.23 -0.43
C ILE A 18 44.33 -22.71 0.62
N GLU A 19 44.69 -23.64 1.48
CA GLU A 19 43.68 -24.14 2.45
C GLU A 19 43.18 -23.04 3.43
N ASN A 20 44.00 -22.01 3.64
CA ASN A 20 43.55 -20.82 4.32
C ASN A 20 42.52 -20.11 3.48
N GLU A 21 42.81 -19.95 2.20
CA GLU A 21 41.87 -19.32 1.29
C GLU A 21 40.55 -20.08 1.28
N ILE A 22 40.57 -21.38 1.18
CA ILE A 22 39.31 -22.11 1.30
C ILE A 22 38.64 -21.95 2.65
N ALA A 23 39.41 -21.74 3.72
CA ALA A 23 38.85 -21.38 5.04
C ALA A 23 37.93 -20.13 4.95
N ARG A 24 38.45 -19.11 4.30
CA ARG A 24 37.75 -17.84 4.19
C ARG A 24 36.54 -17.93 3.23
N ILE A 25 36.59 -18.85 2.29
CA ILE A 25 35.45 -19.02 1.38
C ILE A 25 34.32 -19.84 2.01
N LYS A 26 34.60 -20.62 3.03
CA LYS A 26 33.49 -21.32 3.69
C LYS A 26 32.61 -20.43 4.60
N LYS A 27 33.10 -19.25 4.93
CA LYS A 27 32.30 -18.22 5.59
C LYS A 27 31.02 -17.93 4.76
N LEU A 28 31.11 -18.00 3.43
CA LEU A 28 30.00 -17.61 2.59
C LEU A 28 28.86 -18.60 2.59
N ILE A 29 29.11 -19.87 2.92
CA ILE A 29 28.03 -20.87 3.05
C ILE A 29 27.00 -20.44 4.12
N GLU A 30 27.52 -19.80 5.17
CA GLU A 30 26.76 -19.31 6.35
C GLU A 30 25.91 -18.12 5.95
N LYS A 31 26.46 -17.35 5.03
CA LYS A 31 25.97 -16.04 4.70
C LYS A 31 24.93 -16.13 3.59
N VAL A 32 25.22 -16.88 2.53
CA VAL A 32 24.27 -17.13 1.46
C VAL A 32 22.99 -17.69 2.06
N ASP A 33 23.16 -18.58 3.04
CA ASP A 33 22.04 -19.20 3.74
C ASP A 33 21.06 -18.20 4.40
N GLN A 34 21.59 -17.26 5.19
CA GLN A 34 20.74 -16.30 5.84
C GLN A 34 20.12 -15.35 4.79
N ASN A 35 20.87 -15.02 3.73
CA ASN A 35 20.31 -14.19 2.66
C ASN A 35 19.09 -14.85 2.05
N THR A 36 19.17 -16.14 1.77
CA THR A 36 18.04 -16.82 1.16
C THR A 36 16.82 -16.77 2.06
N ALA A 37 17.04 -16.96 3.39
CA ALA A 37 16.00 -16.93 4.45
C ALA A 37 15.26 -15.60 4.44
N ASP A 38 16.04 -14.52 4.30
CA ASP A 38 15.54 -13.18 4.18
C ASP A 38 14.83 -12.89 2.86
N ILE A 39 15.28 -13.43 1.75
CA ILE A 39 14.56 -13.09 0.54
C ILE A 39 13.16 -13.65 0.70
N THR A 40 13.05 -14.84 1.30
CA THR A 40 11.72 -15.41 1.54
C THR A 40 10.87 -14.58 2.48
N THR A 41 11.45 -14.13 3.60
CA THR A 41 10.77 -13.22 4.52
C THR A 41 10.31 -11.93 3.83
N ASN A 42 11.24 -11.19 3.20
CA ASN A 42 10.85 -10.06 2.36
C ASN A 42 9.69 -10.41 1.37
N THR A 43 9.72 -11.61 0.83
CA THR A 43 8.70 -11.98 -0.13
C THR A 43 7.35 -12.14 0.52
N ASN A 44 7.30 -12.82 1.67
CA ASN A 44 6.06 -12.91 2.47
C ASN A 44 5.46 -11.54 2.70
N SER A 45 6.23 -10.63 3.31
CA SER A 45 5.86 -9.21 3.55
C SER A 45 5.32 -8.50 2.33
N ILE A 46 5.97 -8.64 1.18
CA ILE A 46 5.43 -8.03 0.00
C ILE A 46 4.03 -8.55 -0.26
N ASN A 47 3.84 -9.87 -0.28
CA ASN A 47 2.48 -10.43 -0.58
C ASN A 47 1.41 -9.94 0.38
N GLN A 48 1.72 -10.01 1.68
CA GLN A 48 0.94 -9.32 2.71
C GLN A 48 0.52 -7.91 2.22
N ASN A 49 1.50 -7.02 1.98
CA ASN A 49 1.24 -5.65 1.51
C ASN A 49 0.38 -5.62 0.21
N THR A 50 0.64 -6.52 -0.71
CA THR A 50 -0.17 -6.51 -1.95
C THR A 50 -1.67 -6.77 -1.70
N THR A 51 -1.99 -7.66 -0.77
CA THR A 51 -3.41 -7.87 -0.40
C THR A 51 -4.07 -6.65 0.27
N ASP A 52 -3.34 -5.97 1.11
CA ASP A 52 -3.90 -4.88 1.88
C ASP A 52 -4.09 -3.65 1.06
N ILE A 53 -3.17 -3.36 0.14
CA ILE A 53 -3.48 -2.43 -0.92
C ILE A 53 -4.78 -2.88 -1.63
N ALA A 54 -4.98 -4.19 -1.85
CA ALA A 54 -6.20 -4.67 -2.57
C ALA A 54 -7.44 -4.38 -1.79
N THR A 55 -7.41 -4.65 -0.50
CA THR A 55 -8.52 -4.30 0.42
C THR A 55 -8.79 -2.81 0.53
N ASN A 56 -7.73 -2.01 0.64
CA ASN A 56 -7.86 -0.57 0.61
C ASN A 56 -8.35 -0.06 -0.70
N THR A 57 -7.85 -0.60 -1.80
CA THR A 57 -8.34 -0.16 -3.11
C THR A 57 -9.82 -0.37 -3.26
N THR A 58 -10.27 -1.55 -2.86
CA THR A 58 -11.65 -1.98 -2.96
C THR A 58 -12.58 -1.03 -2.18
N ASN A 59 -12.15 -0.63 -1.01
CA ASN A 59 -12.94 0.27 -0.18
C ASN A 59 -12.95 1.71 -0.70
N ILE A 60 -11.83 2.23 -1.18
CA ILE A 60 -11.84 3.58 -1.71
C ILE A 60 -12.83 3.65 -2.83
N ASN A 61 -12.81 2.65 -3.70
CA ASN A 61 -13.68 2.69 -4.90
C ASN A 61 -15.15 2.45 -4.56
N ASN A 62 -15.40 1.77 -3.45
CA ASN A 62 -16.74 1.62 -2.97
C ASN A 62 -17.24 2.86 -2.26
N LEU A 63 -16.45 3.30 -1.28
CA LEU A 63 -16.82 4.49 -0.55
C LEU A 63 -17.12 5.62 -1.52
N SER A 64 -16.23 5.89 -2.43
CA SER A 64 -16.50 6.86 -3.50
C SER A 64 -17.84 6.65 -4.27
N ASP A 65 -18.14 5.43 -4.65
CA ASP A 65 -19.28 5.21 -5.53
C ASP A 65 -20.58 5.38 -4.84
N SER A 66 -20.61 5.02 -3.56
CA SER A 66 -21.80 5.07 -2.76
C SER A 66 -22.08 6.52 -2.32
N ILE A 67 -21.05 7.26 -1.90
CA ILE A 67 -21.23 8.69 -1.69
C ILE A 67 -21.82 9.31 -2.93
N THR A 68 -21.14 9.10 -4.06
CA THR A 68 -21.56 9.69 -5.34
C THR A 68 -23.06 9.67 -5.56
N THR A 69 -23.59 8.46 -5.54
CA THR A 69 -24.95 8.23 -5.91
C THR A 69 -25.89 8.79 -4.85
N LEU A 70 -25.49 8.70 -3.58
CA LEU A 70 -26.36 9.16 -2.50
C LEU A 70 -26.55 10.65 -2.57
N MET A 71 -25.47 11.39 -2.63
CA MET A 71 -25.59 12.82 -2.77
C MET A 71 -26.28 13.29 -4.05
N LYS A 72 -26.02 12.64 -5.18
CA LYS A 72 -26.82 12.95 -6.36
C LYS A 72 -28.29 12.98 -5.92
N GLN A 73 -28.71 12.10 -5.02
CA GLN A 73 -30.12 12.06 -4.59
C GLN A 73 -30.55 13.09 -3.53
N ILE A 74 -29.66 13.42 -2.59
CA ILE A 74 -29.90 14.55 -1.70
C ILE A 74 -30.06 15.87 -2.46
N GLU A 75 -29.09 16.21 -3.31
CA GLU A 75 -29.16 17.41 -4.14
C GLU A 75 -30.53 17.58 -4.81
N ASP A 76 -31.23 16.48 -5.01
CA ASP A 76 -32.49 16.55 -5.69
C ASP A 76 -33.71 16.42 -4.82
N LYS A 77 -33.51 16.20 -3.52
CA LYS A 77 -34.54 16.51 -2.57
C LYS A 77 -34.46 17.98 -2.49
N ILE A 78 -33.27 18.46 -2.21
CA ILE A 78 -33.11 19.90 -2.03
C ILE A 78 -33.56 20.68 -3.26
N GLU A 79 -33.41 20.07 -4.43
CA GLU A 79 -33.93 20.68 -5.66
C GLU A 79 -35.47 20.83 -5.60
N GLU A 80 -36.15 19.69 -5.40
CA GLU A 80 -37.60 19.64 -5.26
C GLU A 80 -37.97 20.65 -4.20
N ILE A 81 -37.36 20.46 -3.03
CA ILE A 81 -37.68 21.23 -1.86
C ILE A 81 -37.63 22.73 -2.07
N LEU A 82 -36.62 23.23 -2.77
CA LEU A 82 -36.52 24.69 -2.97
C LEU A 82 -37.61 25.20 -3.91
N SER A 83 -38.02 24.36 -4.85
CA SER A 83 -39.07 24.70 -5.77
C SER A 83 -40.39 24.91 -5.00
N LYS A 84 -40.76 23.92 -4.20
CA LYS A 84 -42.04 23.96 -3.51
C LYS A 84 -42.11 25.08 -2.50
N ILE A 85 -40.96 25.43 -1.93
CA ILE A 85 -40.86 26.61 -1.09
C ILE A 85 -41.09 27.94 -1.82
N TYR A 86 -40.45 28.18 -2.95
CA TYR A 86 -40.86 29.30 -3.81
C TYR A 86 -42.38 29.32 -3.96
N HIS A 87 -42.90 28.21 -4.48
CA HIS A 87 -44.26 28.10 -4.88
C HIS A 87 -45.27 28.23 -3.74
N ILE A 88 -44.88 27.84 -2.53
CA ILE A 88 -45.62 28.20 -1.31
C ILE A 88 -45.56 29.68 -1.05
N GLU A 89 -44.43 30.32 -1.27
CA GLU A 89 -44.36 31.73 -0.95
C GLU A 89 -45.18 32.56 -1.93
N ASN A 90 -45.37 32.03 -3.13
CA ASN A 90 -46.31 32.58 -4.09
C ASN A 90 -47.73 32.58 -3.56
N GLU A 91 -48.12 31.40 -3.12
CA GLU A 91 -49.40 31.20 -2.56
C GLU A 91 -49.66 32.22 -1.48
N ILE A 92 -48.79 32.28 -0.48
CA ILE A 92 -49.04 33.06 0.68
C ILE A 92 -49.17 34.55 0.27
N ALA A 93 -48.33 35.02 -0.64
CA ALA A 93 -48.51 36.39 -1.19
C ALA A 93 -49.96 36.63 -1.67
N ARG A 94 -50.45 35.74 -2.53
CA ARG A 94 -51.80 35.77 -3.09
C ARG A 94 -52.97 35.57 -2.09
N ILE A 95 -52.79 34.76 -1.04
CA ILE A 95 -53.78 34.65 0.05
C ILE A 95 -53.89 35.94 0.86
N LYS A 96 -52.75 36.54 1.18
CA LYS A 96 -52.72 37.79 1.89
C LYS A 96 -53.29 38.96 1.10
N LYS A 97 -53.08 38.93 -0.22
CA LYS A 97 -53.75 39.86 -1.11
C LYS A 97 -55.28 39.76 -0.88
N LEU A 98 -55.80 38.54 -1.04
CA LEU A 98 -57.24 38.30 -1.09
C LEU A 98 -57.93 38.69 0.23
N ILE A 99 -57.34 38.39 1.38
CA ILE A 99 -57.88 38.93 2.64
C ILE A 99 -58.07 40.47 2.65
N LYS A 100 -57.12 41.25 2.10
CA LYS A 100 -57.19 42.73 2.17
C LYS A 100 -58.03 43.38 1.04
N ILE B 4 58.61 -40.03 -10.43
CA ILE B 4 58.59 -38.93 -9.42
C ILE B 4 58.61 -37.53 -10.04
N GLU B 5 59.61 -37.25 -10.86
CA GLU B 5 59.61 -36.01 -11.63
C GLU B 5 58.24 -35.86 -12.30
N ASP B 6 57.63 -36.96 -12.76
CA ASP B 6 56.31 -36.88 -13.37
C ASP B 6 55.20 -36.64 -12.37
N LYS B 7 55.32 -37.31 -11.24
CA LYS B 7 54.51 -37.05 -10.06
C LYS B 7 54.48 -35.58 -9.67
N ILE B 8 55.64 -34.94 -9.62
CA ILE B 8 55.71 -33.49 -9.38
C ILE B 8 55.04 -32.64 -10.45
N GLU B 9 55.40 -32.83 -11.72
CA GLU B 9 54.79 -32.05 -12.80
C GLU B 9 53.29 -32.11 -12.60
N GLU B 10 52.74 -33.32 -12.52
CA GLU B 10 51.30 -33.49 -12.36
C GLU B 10 50.80 -32.61 -11.22
N ILE B 11 51.30 -32.88 -10.02
CA ILE B 11 51.06 -32.04 -8.85
C ILE B 11 51.10 -30.53 -9.11
N LEU B 12 52.09 -30.05 -9.82
CA LEU B 12 52.13 -28.61 -10.12
C LEU B 12 50.97 -28.15 -10.99
N SER B 13 50.58 -29.00 -11.94
CA SER B 13 49.43 -28.72 -12.77
C SER B 13 48.15 -28.67 -11.95
N LYS B 14 47.86 -29.74 -11.22
CA LYS B 14 46.68 -29.71 -10.36
C LYS B 14 46.63 -28.40 -9.60
N ILE B 15 47.76 -28.00 -9.03
CA ILE B 15 47.82 -26.75 -8.27
C ILE B 15 47.52 -25.48 -9.06
N TYR B 16 47.99 -25.39 -10.30
CA TYR B 16 47.69 -24.20 -11.10
C TYR B 16 46.22 -24.11 -11.50
N HIS B 17 45.65 -25.28 -11.76
CA HIS B 17 44.26 -25.38 -12.11
C HIS B 17 43.44 -24.94 -10.94
N ILE B 18 43.82 -25.39 -9.77
CA ILE B 18 43.17 -24.98 -8.56
C ILE B 18 43.21 -23.49 -8.31
N GLU B 19 44.38 -22.89 -8.28
CA GLU B 19 44.42 -21.46 -7.97
C GLU B 19 43.59 -20.62 -8.93
N ASN B 20 43.37 -21.12 -10.16
CA ASN B 20 42.42 -20.53 -11.07
C ASN B 20 40.99 -20.67 -10.59
N GLU B 21 40.60 -21.90 -10.24
CA GLU B 21 39.27 -22.15 -9.68
C GLU B 21 38.98 -21.15 -8.58
N ILE B 22 39.93 -21.02 -7.65
CA ILE B 22 39.79 -20.15 -6.51
C ILE B 22 39.71 -18.67 -6.87
N ALA B 23 40.35 -18.27 -7.96
CA ALA B 23 40.18 -16.93 -8.53
C ALA B 23 38.70 -16.61 -8.80
N ARG B 24 38.02 -17.53 -9.47
CA ARG B 24 36.61 -17.34 -9.78
C ARG B 24 35.68 -17.35 -8.55
N ILE B 25 36.05 -18.13 -7.56
CA ILE B 25 35.23 -18.21 -6.37
C ILE B 25 35.40 -17.01 -5.46
N LYS B 26 36.61 -16.45 -5.39
CA LYS B 26 36.87 -15.12 -4.78
C LYS B 26 35.87 -14.04 -5.23
N LYS B 27 35.35 -14.19 -6.45
CA LYS B 27 34.37 -13.24 -7.02
C LYS B 27 33.03 -13.12 -6.26
N LEU B 28 32.64 -14.19 -5.56
CA LEU B 28 31.39 -14.22 -4.79
C LEU B 28 31.42 -13.43 -3.50
N ILE B 29 32.60 -13.20 -2.93
CA ILE B 29 32.75 -12.37 -1.73
C ILE B 29 32.15 -10.95 -1.92
N GLU B 30 32.21 -10.49 -3.17
CA GLU B 30 31.62 -9.22 -3.59
C GLU B 30 30.09 -9.37 -3.72
N LYS B 31 29.66 -10.31 -4.56
CA LYS B 31 28.25 -10.65 -4.80
C LYS B 31 27.42 -10.94 -3.55
N VAL B 32 27.93 -11.77 -2.66
CA VAL B 32 27.18 -12.00 -1.47
C VAL B 32 27.04 -10.71 -0.67
N ASP B 33 28.08 -9.87 -0.64
CA ASP B 33 28.05 -8.59 0.10
C ASP B 33 27.09 -7.54 -0.49
N GLN B 34 27.07 -7.44 -1.84
CA GLN B 34 26.07 -6.61 -2.56
C GLN B 34 24.67 -7.11 -2.23
N ASN B 35 24.48 -8.39 -2.31
CA ASN B 35 23.14 -8.93 -2.10
C ASN B 35 22.58 -8.65 -0.72
N THR B 36 23.41 -8.83 0.31
CA THR B 36 23.00 -8.54 1.69
C THR B 36 22.62 -7.03 1.89
N ALA B 37 23.40 -6.14 1.28
CA ALA B 37 23.14 -4.71 1.35
C ALA B 37 21.76 -4.42 0.77
N ASP B 38 21.49 -5.07 -0.38
CA ASP B 38 20.17 -4.99 -1.02
C ASP B 38 19.04 -5.61 -0.21
N ILE B 39 19.24 -6.74 0.42
CA ILE B 39 18.09 -7.29 1.14
C ILE B 39 17.71 -6.24 2.21
N THR B 40 18.70 -5.66 2.88
CA THR B 40 18.41 -4.58 3.83
C THR B 40 17.66 -3.36 3.21
N THR B 41 18.12 -2.90 2.05
CA THR B 41 17.43 -1.80 1.34
C THR B 41 16.01 -2.12 0.95
N ASN B 42 15.81 -3.25 0.27
CA ASN B 42 14.45 -3.82 0.03
C ASN B 42 13.62 -3.96 1.30
N THR B 43 14.24 -4.30 2.41
CA THR B 43 13.53 -4.40 3.71
C THR B 43 13.11 -3.05 4.31
N ASN B 44 13.98 -2.05 4.18
CA ASN B 44 13.61 -0.67 4.51
C ASN B 44 12.33 -0.27 3.74
N SER B 45 12.40 -0.34 2.40
CA SER B 45 11.28 -0.04 1.53
C SER B 45 10.00 -0.73 1.92
N ILE B 46 10.05 -2.03 2.21
CA ILE B 46 8.85 -2.70 2.61
C ILE B 46 8.22 -2.02 3.83
N ASN B 47 9.00 -1.84 4.89
CA ASN B 47 8.46 -1.29 6.14
C ASN B 47 7.84 0.04 5.96
N GLN B 48 8.40 0.81 5.05
CA GLN B 48 7.83 2.06 4.71
C GLN B 48 6.44 1.89 4.04
N ASN B 49 6.36 1.17 2.92
CA ASN B 49 5.07 0.85 2.31
C ASN B 49 4.11 0.33 3.41
N THR B 50 4.60 -0.52 4.31
CA THR B 50 3.76 -1.06 5.36
C THR B 50 3.04 0.02 6.20
N THR B 51 3.80 1.04 6.61
CA THR B 51 3.24 2.18 7.31
C THR B 51 2.18 2.94 6.53
N ASP B 52 2.42 3.13 5.24
CA ASP B 52 1.54 3.96 4.42
C ASP B 52 0.27 3.29 4.02
N ILE B 53 0.33 1.98 3.82
CA ILE B 53 -0.87 1.15 3.84
C ILE B 53 -1.60 1.31 5.19
N ALA B 54 -0.86 1.46 6.29
CA ALA B 54 -1.51 1.64 7.62
C ALA B 54 -2.22 2.97 7.66
N THR B 55 -1.56 4.03 7.20
CA THR B 55 -2.16 5.37 7.20
C THR B 55 -3.36 5.45 6.32
N ASN B 56 -3.29 4.82 5.16
CA ASN B 56 -4.41 4.75 4.20
C ASN B 56 -5.52 3.92 4.73
N THR B 57 -5.23 2.75 5.29
CA THR B 57 -6.27 1.94 5.94
C THR B 57 -7.03 2.77 6.98
N THR B 58 -6.28 3.46 7.83
CA THR B 58 -6.86 4.23 8.95
C THR B 58 -7.85 5.30 8.47
N ASN B 59 -7.51 5.92 7.35
CA ASN B 59 -8.36 6.92 6.77
C ASN B 59 -9.59 6.35 6.10
N ILE B 60 -9.45 5.29 5.31
CA ILE B 60 -10.61 4.64 4.67
C ILE B 60 -11.62 4.25 5.78
N ASN B 61 -11.12 3.82 6.93
CA ASN B 61 -11.98 3.58 8.16
C ASN B 61 -12.57 4.85 8.86
N ASN B 62 -11.77 5.92 9.03
CA ASN B 62 -12.28 7.21 9.49
C ASN B 62 -13.15 8.00 8.52
N LEU B 63 -12.68 8.13 7.29
CA LEU B 63 -13.46 8.79 6.26
C LEU B 63 -14.83 8.12 6.14
N SER B 64 -14.84 6.79 5.98
CA SER B 64 -16.10 6.03 5.98
C SER B 64 -16.97 6.33 7.19
N ASP B 65 -16.41 6.39 8.38
CA ASP B 65 -17.27 6.51 9.56
C ASP B 65 -17.92 7.88 9.66
N SER B 66 -17.19 8.89 9.21
CA SER B 66 -17.65 10.25 9.31
C SER B 66 -18.68 10.54 8.23
N ILE B 67 -18.44 10.06 7.02
CA ILE B 67 -19.48 10.12 6.00
C ILE B 67 -20.73 9.47 6.51
N THR B 68 -20.61 8.23 6.96
CA THR B 68 -21.76 7.48 7.43
C THR B 68 -22.68 8.31 8.27
N THR B 69 -22.14 8.83 9.36
CA THR B 69 -22.94 9.47 10.36
C THR B 69 -23.48 10.82 9.86
N LEU B 70 -22.73 11.50 8.99
CA LEU B 70 -23.16 12.81 8.53
C LEU B 70 -24.38 12.70 7.64
N MET B 71 -24.29 11.83 6.65
CA MET B 71 -25.42 11.61 5.79
C MET B 71 -26.64 11.04 6.49
N LYS B 72 -26.46 10.10 7.42
CA LYS B 72 -27.61 9.67 8.22
C LYS B 72 -28.36 10.87 8.81
N GLN B 73 -27.63 11.79 9.43
CA GLN B 73 -28.21 13.00 9.96
C GLN B 73 -28.89 13.86 8.88
N ILE B 74 -28.22 14.02 7.74
CA ILE B 74 -28.80 14.85 6.68
C ILE B 74 -30.11 14.28 6.11
N GLU B 75 -30.06 13.05 5.63
CA GLU B 75 -31.26 12.39 5.15
C GLU B 75 -32.41 12.54 6.12
N ASP B 76 -32.11 12.59 7.42
CA ASP B 76 -33.09 12.89 8.47
C ASP B 76 -33.59 14.33 8.42
N LYS B 77 -32.68 15.30 8.51
CA LYS B 77 -33.09 16.71 8.40
C LYS B 77 -33.94 16.97 7.14
N ILE B 78 -33.62 16.32 6.04
CA ILE B 78 -34.49 16.33 4.85
C ILE B 78 -35.81 15.60 5.08
N GLU B 79 -35.79 14.46 5.75
CA GLU B 79 -37.02 13.74 6.09
C GLU B 79 -38.04 14.63 6.87
N GLU B 80 -37.58 15.30 7.94
CA GLU B 80 -38.45 16.16 8.74
C GLU B 80 -38.79 17.51 8.02
N ILE B 81 -37.81 18.09 7.34
CA ILE B 81 -38.10 19.19 6.45
C ILE B 81 -39.15 18.88 5.41
N LEU B 82 -39.10 17.69 4.83
CA LEU B 82 -40.07 17.35 3.78
C LEU B 82 -41.45 17.06 4.41
N SER B 83 -41.45 16.57 5.64
CA SER B 83 -42.69 16.34 6.33
C SER B 83 -43.45 17.64 6.60
N LYS B 84 -42.76 18.60 7.20
CA LYS B 84 -43.34 19.91 7.46
C LYS B 84 -43.93 20.51 6.19
N ILE B 85 -43.14 20.49 5.12
CA ILE B 85 -43.55 21.07 3.86
C ILE B 85 -44.83 20.47 3.34
N TYR B 86 -44.93 19.15 3.34
CA TYR B 86 -46.17 18.56 2.90
C TYR B 86 -47.34 19.02 3.77
N HIS B 87 -47.08 19.15 5.06
CA HIS B 87 -48.08 19.59 6.02
C HIS B 87 -48.44 21.08 5.89
N ILE B 88 -47.48 21.89 5.46
CA ILE B 88 -47.80 23.27 5.09
C ILE B 88 -48.62 23.33 3.84
N GLU B 89 -48.39 22.42 2.92
CA GLU B 89 -49.16 22.41 1.70
C GLU B 89 -50.60 22.05 1.99
N ASN B 90 -50.82 21.24 3.02
CA ASN B 90 -52.15 20.93 3.52
C ASN B 90 -52.90 22.16 4.06
N GLU B 91 -52.22 22.91 4.95
CA GLU B 91 -52.73 24.17 5.54
C GLU B 91 -52.94 25.31 4.55
N ILE B 92 -52.30 25.28 3.42
CA ILE B 92 -52.59 26.30 2.45
C ILE B 92 -53.79 25.94 1.58
N ALA B 93 -53.95 24.66 1.24
CA ALA B 93 -55.15 24.14 0.60
C ALA B 93 -56.38 24.54 1.41
N ARG B 94 -56.40 24.16 2.68
CA ARG B 94 -57.53 24.37 3.57
C ARG B 94 -57.85 25.84 3.88
N ILE B 95 -56.84 26.70 3.89
CA ILE B 95 -57.04 28.16 4.04
C ILE B 95 -57.70 28.73 2.80
N LYS B 96 -57.23 28.33 1.63
CA LYS B 96 -57.80 28.81 0.39
C LYS B 96 -59.23 28.31 0.23
N LYS B 97 -59.53 27.17 0.84
CA LYS B 97 -60.85 26.60 0.74
C LYS B 97 -61.81 27.32 1.64
N LEU B 98 -61.31 27.93 2.70
CA LEU B 98 -62.14 28.70 3.60
C LEU B 98 -62.42 30.09 3.05
N ILE B 99 -61.41 30.77 2.52
CA ILE B 99 -61.65 32.07 1.86
C ILE B 99 -62.79 32.04 0.81
N LYS B 100 -62.90 30.96 0.02
CA LYS B 100 -63.91 30.89 -1.06
C LYS B 100 -65.28 30.30 -0.61
N ILE C 4 60.45 -38.26 1.60
CA ILE C 4 59.99 -37.52 0.39
C ILE C 4 58.81 -38.20 -0.33
N GLU C 5 58.98 -39.48 -0.70
CA GLU C 5 57.87 -40.26 -1.21
C GLU C 5 56.65 -40.15 -0.25
N ASP C 6 56.91 -39.99 1.04
CA ASP C 6 55.83 -39.75 2.01
C ASP C 6 55.33 -38.31 1.98
N LYS C 7 56.25 -37.37 1.84
CA LYS C 7 55.88 -35.97 1.55
C LYS C 7 54.92 -35.88 0.38
N ILE C 8 55.29 -36.48 -0.74
CA ILE C 8 54.40 -36.51 -1.92
C ILE C 8 53.02 -37.12 -1.66
N GLU C 9 52.97 -38.37 -1.18
CA GLU C 9 51.68 -39.00 -0.86
C GLU C 9 50.80 -38.03 -0.04
N GLU C 10 51.36 -37.47 1.05
CA GLU C 10 50.66 -36.47 1.86
C GLU C 10 50.13 -35.30 0.99
N ILE C 11 51.04 -34.62 0.31
CA ILE C 11 50.68 -33.58 -0.66
C ILE C 11 49.56 -33.95 -1.63
N LEU C 12 49.58 -35.15 -2.18
CA LEU C 12 48.48 -35.55 -3.08
C LEU C 12 47.17 -35.65 -2.29
N SER C 13 47.24 -36.13 -1.04
CA SER C 13 46.03 -36.22 -0.24
C SER C 13 45.45 -34.87 0.04
N LYS C 14 46.27 -33.98 0.54
CA LYS C 14 45.81 -32.64 0.75
C LYS C 14 45.13 -32.08 -0.50
N ILE C 15 45.69 -32.39 -1.66
CA ILE C 15 45.09 -31.90 -2.92
C ILE C 15 43.73 -32.49 -3.24
N TYR C 16 43.56 -33.78 -3.01
CA TYR C 16 42.25 -34.38 -3.35
C TYR C 16 41.14 -33.88 -2.41
N HIS C 17 41.50 -33.71 -1.15
CA HIS C 17 40.60 -33.17 -0.17
C HIS C 17 40.17 -31.78 -0.62
N ILE C 18 41.15 -30.97 -0.98
CA ILE C 18 40.84 -29.63 -1.46
C ILE C 18 39.89 -29.59 -2.66
N GLU C 19 40.18 -30.34 -3.70
CA GLU C 19 39.30 -30.27 -4.88
C GLU C 19 37.88 -30.69 -4.55
N ASN C 20 37.71 -31.51 -3.51
CA ASN C 20 36.37 -31.83 -2.99
C ASN C 20 35.73 -30.64 -2.30
N GLU C 21 36.53 -29.92 -1.50
CA GLU C 21 36.10 -28.61 -1.03
C GLU C 21 35.55 -27.82 -2.22
N ILE C 22 36.38 -27.63 -3.23
CA ILE C 22 35.96 -26.75 -4.31
C ILE C 22 34.74 -27.27 -5.10
N ALA C 23 34.55 -28.58 -5.14
CA ALA C 23 33.30 -29.17 -5.59
C ALA C 23 32.12 -28.64 -4.80
N ARG C 24 32.29 -28.71 -3.50
CA ARG C 24 31.24 -28.34 -2.57
C ARG C 24 30.93 -26.87 -2.64
N ILE C 25 31.95 -26.06 -2.85
CA ILE C 25 31.79 -24.61 -2.87
C ILE C 25 31.22 -24.08 -4.16
N LYS C 26 31.50 -24.70 -5.31
CA LYS C 26 30.83 -24.32 -6.55
C LYS C 26 29.29 -24.54 -6.44
N LYS C 27 28.84 -25.24 -5.38
CA LYS C 27 27.41 -25.37 -5.05
C LYS C 27 26.71 -24.02 -4.86
N LEU C 28 27.43 -23.07 -4.30
CA LEU C 28 26.89 -21.77 -3.95
C LEU C 28 26.65 -20.81 -5.10
N ILE C 29 27.33 -20.99 -6.23
CA ILE C 29 27.15 -20.14 -7.44
C ILE C 29 25.71 -20.06 -7.97
N GLU C 30 25.03 -21.21 -7.98
CA GLU C 30 23.66 -21.27 -8.47
C GLU C 30 22.73 -20.71 -7.41
N LYS C 31 23.14 -20.84 -6.15
CA LYS C 31 22.40 -20.33 -5.01
C LYS C 31 22.58 -18.78 -4.83
N VAL C 32 23.78 -18.24 -5.11
CA VAL C 32 23.98 -16.79 -5.13
C VAL C 32 23.22 -16.14 -6.23
N ASP C 33 23.15 -16.80 -7.37
CA ASP C 33 22.54 -16.13 -8.50
C ASP C 33 21.05 -16.43 -8.67
N GLN C 34 20.50 -17.28 -7.81
CA GLN C 34 19.05 -17.46 -7.76
C GLN C 34 18.56 -16.40 -6.76
N ASN C 35 19.41 -16.09 -5.80
CA ASN C 35 19.15 -15.03 -4.85
C ASN C 35 19.19 -13.65 -5.47
N THR C 36 20.15 -13.41 -6.33
CA THR C 36 20.19 -12.11 -7.01
C THR C 36 18.95 -11.86 -7.87
N ALA C 37 18.54 -12.90 -8.58
CA ALA C 37 17.30 -12.88 -9.41
C ALA C 37 16.13 -12.43 -8.59
N ASP C 38 16.04 -13.03 -7.40
CA ASP C 38 14.99 -12.75 -6.44
C ASP C 38 15.05 -11.40 -5.84
N ILE C 39 16.22 -10.86 -5.60
CA ILE C 39 16.25 -9.52 -5.01
C ILE C 39 15.66 -8.54 -6.02
N THR C 40 16.06 -8.70 -7.27
CA THR C 40 15.41 -7.91 -8.33
C THR C 40 13.87 -8.09 -8.44
N THR C 41 13.38 -9.31 -8.42
CA THR C 41 11.94 -9.53 -8.37
C THR C 41 11.26 -8.82 -7.18
N ASN C 42 11.68 -9.14 -5.97
CA ASN C 42 11.17 -8.46 -4.81
C ASN C 42 11.22 -6.92 -4.99
N THR C 43 12.25 -6.43 -5.67
CA THR C 43 12.42 -5.00 -5.87
C THR C 43 11.43 -4.40 -6.86
N ASN C 44 11.15 -5.16 -7.93
CA ASN C 44 10.05 -4.83 -8.82
C ASN C 44 8.76 -4.65 -8.02
N SER C 45 8.33 -5.72 -7.35
CA SER C 45 7.09 -5.77 -6.55
C SER C 45 6.96 -4.67 -5.53
N ILE C 46 8.07 -4.30 -4.91
CA ILE C 46 8.02 -3.15 -4.04
C ILE C 46 7.58 -1.95 -4.85
N ASN C 47 8.31 -1.63 -5.91
CA ASN C 47 8.03 -0.41 -6.69
C ASN C 47 6.57 -0.30 -7.16
N GLN C 48 5.98 -1.44 -7.49
CA GLN C 48 4.56 -1.49 -7.84
C GLN C 48 3.70 -1.15 -6.65
N ASN C 49 3.85 -1.89 -5.55
CA ASN C 49 3.10 -1.56 -4.34
C ASN C 49 3.25 -0.05 -4.01
N THR C 50 4.48 0.48 -4.14
CA THR C 50 4.71 1.86 -3.80
C THR C 50 3.84 2.82 -4.57
N THR C 51 3.70 2.57 -5.88
CA THR C 51 2.83 3.36 -6.75
C THR C 51 1.36 3.24 -6.41
N ASP C 52 0.90 2.06 -6.05
CA ASP C 52 -0.51 1.85 -5.78
C ASP C 52 -0.96 2.39 -4.45
N ILE C 53 -0.10 2.34 -3.44
CA ILE C 53 -0.26 3.17 -2.26
C ILE C 53 -0.34 4.64 -2.67
N ALA C 54 0.45 5.09 -3.67
CA ALA C 54 0.38 6.50 -4.13
C ALA C 54 -0.98 6.83 -4.74
N THR C 55 -1.49 5.95 -5.57
CA THR C 55 -2.79 6.14 -6.19
C THR C 55 -3.91 6.09 -5.16
N ASN C 56 -3.81 5.18 -4.19
CA ASN C 56 -4.76 5.14 -3.12
C ASN C 56 -4.67 6.33 -2.23
N THR C 57 -3.47 6.77 -1.91
CA THR C 57 -3.30 7.98 -1.09
C THR C 57 -3.92 9.17 -1.74
N THR C 58 -3.65 9.36 -3.02
CA THR C 58 -4.16 10.48 -3.80
C THR C 58 -5.66 10.56 -3.76
N ASN C 59 -6.32 9.40 -3.82
CA ASN C 59 -7.77 9.32 -3.81
C ASN C 59 -8.40 9.55 -2.45
N ILE C 60 -7.80 9.02 -1.40
CA ILE C 60 -8.34 9.23 -0.07
C ILE C 60 -8.35 10.72 0.20
N ASN C 61 -7.26 11.41 -0.10
CA ASN C 61 -7.20 12.85 0.08
C ASN C 61 -8.23 13.54 -0.82
N ASN C 62 -8.43 13.02 -2.03
CA ASN C 62 -9.45 13.59 -2.88
C ASN C 62 -10.87 13.36 -2.36
N LEU C 63 -11.21 12.12 -2.10
CA LEU C 63 -12.53 11.78 -1.58
C LEU C 63 -12.85 12.64 -0.39
N SER C 64 -11.94 12.72 0.56
CA SER C 64 -12.08 13.58 1.73
C SER C 64 -12.32 15.04 1.35
N ASP C 65 -11.56 15.58 0.43
CA ASP C 65 -11.62 17.02 0.17
C ASP C 65 -12.93 17.45 -0.50
N SER C 66 -13.44 16.55 -1.33
CA SER C 66 -14.63 16.82 -2.08
C SER C 66 -15.85 16.68 -1.18
N ILE C 67 -15.90 15.66 -0.33
CA ILE C 67 -16.94 15.58 0.67
C ILE C 67 -16.95 16.81 1.57
N THR C 68 -15.79 17.17 2.07
CA THR C 68 -15.67 18.33 2.92
C THR C 68 -16.46 19.51 2.41
N THR C 69 -16.10 19.92 1.23
CA THR C 69 -16.55 21.16 0.69
C THR C 69 -18.00 21.04 0.31
N LEU C 70 -18.44 19.86 -0.15
CA LEU C 70 -19.82 19.69 -0.60
C LEU C 70 -20.80 19.84 0.56
N MET C 71 -20.53 19.13 1.64
CA MET C 71 -21.34 19.24 2.82
C MET C 71 -21.32 20.63 3.43
N LYS C 72 -20.15 21.24 3.54
CA LYS C 72 -20.12 22.64 3.93
C LYS C 72 -21.22 23.39 3.14
N GLN C 73 -21.23 23.24 1.82
CA GLN C 73 -22.18 23.94 0.92
C GLN C 73 -23.64 23.52 1.01
N ILE C 74 -23.91 22.23 1.22
CA ILE C 74 -25.28 21.76 1.56
C ILE C 74 -25.76 22.27 2.91
N GLU C 75 -24.99 22.00 3.95
CA GLU C 75 -25.30 22.54 5.26
C GLU C 75 -25.64 24.02 5.15
N ASP C 76 -25.05 24.72 4.18
CA ASP C 76 -25.34 26.14 3.95
C ASP C 76 -26.72 26.34 3.42
N LYS C 77 -27.07 25.61 2.37
CA LYS C 77 -28.39 25.72 1.76
C LYS C 77 -29.49 25.37 2.75
N ILE C 78 -29.26 24.31 3.53
CA ILE C 78 -30.17 23.97 4.61
C ILE C 78 -30.25 25.04 5.71
N GLU C 79 -29.15 25.73 5.97
CA GLU C 79 -29.14 26.85 6.90
C GLU C 79 -30.13 27.91 6.44
N GLU C 80 -30.28 28.08 5.13
CA GLU C 80 -31.13 29.16 4.59
C GLU C 80 -32.56 28.68 4.40
N ILE C 81 -32.70 27.49 3.83
CA ILE C 81 -33.99 26.76 3.78
C ILE C 81 -34.71 26.68 5.10
N LEU C 82 -33.99 26.51 6.21
CA LEU C 82 -34.68 26.41 7.50
C LEU C 82 -35.18 27.78 7.96
N SER C 83 -34.53 28.84 7.52
CA SER C 83 -34.98 30.16 7.84
C SER C 83 -36.30 30.42 7.13
N LYS C 84 -36.28 30.26 5.81
CA LYS C 84 -37.48 30.41 4.95
C LYS C 84 -38.67 29.72 5.61
N ILE C 85 -38.46 28.48 6.06
CA ILE C 85 -39.52 27.69 6.66
C ILE C 85 -40.07 28.25 7.97
N TYR C 86 -39.20 28.72 8.87
CA TYR C 86 -39.68 29.36 10.09
C TYR C 86 -40.65 30.45 9.65
N HIS C 87 -40.14 31.29 8.77
CA HIS C 87 -40.78 32.51 8.37
C HIS C 87 -42.10 32.28 7.59
N ILE C 88 -42.20 31.14 6.91
CA ILE C 88 -43.50 30.70 6.40
C ILE C 88 -44.47 30.25 7.50
N GLU C 89 -44.00 29.64 8.58
CA GLU C 89 -44.90 29.22 9.68
C GLU C 89 -45.46 30.49 10.39
N ASN C 90 -44.65 31.54 10.38
CA ASN C 90 -45.05 32.84 10.94
C ASN C 90 -46.25 33.40 10.25
N GLU C 91 -46.18 33.38 8.93
CA GLU C 91 -47.26 33.95 8.17
C GLU C 91 -48.46 33.04 8.12
N ILE C 92 -48.28 31.74 8.21
CA ILE C 92 -49.47 30.90 8.25
C ILE C 92 -50.19 31.07 9.56
N ALA C 93 -49.47 31.21 10.66
CA ALA C 93 -50.10 31.61 11.93
C ALA C 93 -50.96 32.88 11.74
N ARG C 94 -50.33 33.95 11.27
CA ARG C 94 -50.95 35.27 11.13
C ARG C 94 -52.11 35.29 10.11
N ILE C 95 -52.04 34.46 9.07
CA ILE C 95 -53.16 34.33 8.11
C ILE C 95 -54.36 33.67 8.79
N LYS C 96 -54.10 32.61 9.55
CA LYS C 96 -55.17 31.92 10.25
C LYS C 96 -55.84 32.80 11.32
N LYS C 97 -55.07 33.73 11.90
CA LYS C 97 -55.61 34.61 12.95
C LYS C 97 -56.46 35.72 12.32
N LEU C 98 -56.17 36.05 11.07
CA LEU C 98 -56.97 37.04 10.37
C LEU C 98 -58.31 36.47 9.86
N ILE C 99 -58.31 35.25 9.32
CA ILE C 99 -59.57 34.56 9.01
C ILE C 99 -60.57 34.49 10.18
N LYS C 100 -60.10 34.24 11.40
CA LYS C 100 -61.00 34.09 12.55
C LYS C 100 -61.45 35.42 13.19
CL CL D . 14.52 -8.98 -1.05
CL CL E . -3.56 1.60 0.39
CL CL F . 23.33 -14.35 -1.86
CL CL G . 5.74 -3.37 -0.46
#